data_9KVX
#
_entry.id   9KVX
#
_cell.length_a   1.00
_cell.length_b   1.00
_cell.length_c   1.00
_cell.angle_alpha   90.00
_cell.angle_beta   90.00
_cell.angle_gamma   90.00
#
_symmetry.space_group_name_H-M   'P 1'
#
loop_
_entity.id
_entity.type
_entity.pdbx_description
1 polymer 'Calcium/manganese antiporter SLC30A10'
2 non-polymer 'MANGANESE (II) ION'
3 water water
#
_entity_poly.entity_id   1
_entity_poly.type   'polypeptide(L)'
_entity_poly.pdbx_seq_one_letter_code
;MGRYSGKTCRLLFMLVLTVAFFVAELVSGYLGNSIALLSDSFNMLSDLISLCVGLSAGYIARRPTRGFSATYGYARAEVV
GALSNAVFLTALCFTIFVEAVLRLARPERIDDPELVLIVGVLGLLVNVVGLLIFQDCAAWFACCLRGRSRRLQQRQQLAE
GCVPGAFGGPQGAEDPRRAADPTAPGSDSAVTLRGTSVERKREKGATVFANVAGDSFNTQNEPEDMMKKEKKSEALNIRG
VLLHVMGDALGSVVVVITAIIFYVLPLKSEDPCNWQCYIDPSLTVLMVIIILSSAFPLIKETAAILLQMVPKGVNMEELM
SKLSAVPGISSVHEVHIWELVSGKIIATLHIKYPKDRGYQDASTKIREIFHHAGIHNVTIQFENVDLKEPLEQKDLLLLC
NSPCISKGCAKQLCCPPGALPLAHVNGCAEHNGGPSLDTYGSDGLSRRDAREVAIEVSLDSCLSDHGQSLNKTQEDQCYV
NRTHF
;
_entity_poly.pdbx_strand_id   B,A
#
loop_
_chem_comp.id
_chem_comp.type
_chem_comp.name
_chem_comp.formula
MN non-polymer 'MANGANESE (II) ION' 'Mn 2'
#
# COMPACT_ATOMS: atom_id res chain seq x y z
N ARG A 10 -13.69 -21.81 9.56
CA ARG A 10 -13.89 -20.95 8.40
C ARG A 10 -14.38 -21.74 7.19
N LEU A 11 -14.99 -21.04 6.23
CA LEU A 11 -15.36 -21.61 4.95
C LEU A 11 -14.75 -20.76 3.85
N LEU A 12 -14.21 -21.42 2.83
CA LEU A 12 -13.62 -20.74 1.68
C LEU A 12 -14.44 -20.90 0.41
N PHE A 13 -15.63 -21.49 0.51
CA PHE A 13 -16.44 -21.72 -0.68
C PHE A 13 -17.17 -20.46 -1.09
N MET A 14 -16.41 -19.38 -1.23
CA MET A 14 -16.89 -18.10 -1.72
C MET A 14 -16.17 -17.62 -2.96
N LEU A 15 -14.88 -17.94 -3.10
CA LEU A 15 -14.14 -17.60 -4.31
C LEU A 15 -14.77 -18.23 -5.54
N VAL A 16 -15.25 -19.47 -5.41
CA VAL A 16 -15.94 -20.12 -6.52
C VAL A 16 -17.13 -19.30 -6.96
N LEU A 17 -17.88 -18.74 -6.00
CA LEU A 17 -19.06 -17.94 -6.33
C LEU A 17 -18.69 -16.50 -6.64
N THR A 18 -17.88 -15.88 -5.78
CA THR A 18 -17.58 -14.45 -5.95
C THR A 18 -16.80 -14.19 -7.24
N VAL A 19 -15.77 -15.00 -7.52
CA VAL A 19 -14.99 -14.81 -8.74
C VAL A 19 -15.85 -15.08 -9.97
N ALA A 20 -16.72 -16.07 -9.90
CA ALA A 20 -17.57 -16.41 -11.04
C ALA A 20 -18.58 -15.30 -11.33
N PHE A 21 -19.11 -14.65 -10.30
CA PHE A 21 -20.10 -13.60 -10.51
C PHE A 21 -19.48 -12.23 -10.72
N PHE A 22 -18.21 -12.03 -10.34
CA PHE A 22 -17.51 -10.81 -10.72
C PHE A 22 -17.35 -10.75 -12.23
N VAL A 23 -16.99 -11.87 -12.86
CA VAL A 23 -16.88 -11.91 -14.31
C VAL A 23 -18.25 -11.75 -14.95
N ALA A 24 -19.28 -12.36 -14.35
CA ALA A 24 -20.64 -12.25 -14.89
C ALA A 24 -21.11 -10.81 -14.86
N GLU A 25 -20.88 -10.07 -13.79
CA GLU A 25 -21.28 -8.66 -13.62
C GLU A 25 -20.40 -7.76 -14.45
N LEU A 26 -19.17 -8.14 -14.77
CA LEU A 26 -18.36 -7.39 -15.71
C LEU A 26 -18.86 -7.53 -17.13
N VAL A 27 -19.15 -8.78 -17.54
CA VAL A 27 -19.67 -9.01 -18.88
C VAL A 27 -21.04 -8.36 -19.03
N SER A 28 -21.93 -8.60 -18.08
CA SER A 28 -23.27 -8.03 -18.13
C SER A 28 -23.27 -6.53 -17.88
N GLY A 29 -22.26 -6.01 -17.19
CA GLY A 29 -22.17 -4.57 -17.00
C GLY A 29 -21.70 -3.85 -18.25
N TYR A 30 -20.90 -4.53 -19.09
CA TYR A 30 -20.46 -3.96 -20.35
C TYR A 30 -21.39 -4.31 -21.49
N LEU A 31 -21.98 -5.52 -21.46
CA LEU A 31 -22.96 -5.91 -22.47
C LEU A 31 -24.30 -5.23 -22.24
N GLY A 32 -24.65 -4.97 -20.97
CA GLY A 32 -25.89 -4.33 -20.61
C GLY A 32 -25.84 -2.83 -20.45
N ASN A 33 -24.66 -2.22 -20.54
CA ASN A 33 -24.48 -0.77 -20.51
C ASN A 33 -25.00 -0.18 -19.18
N SER A 34 -24.34 -0.56 -18.10
CA SER A 34 -24.66 -0.06 -16.77
C SER A 34 -23.38 0.21 -15.99
N ILE A 35 -23.25 1.43 -15.46
CA ILE A 35 -22.10 1.72 -14.61
C ILE A 35 -22.31 1.12 -13.22
N ALA A 36 -23.56 1.00 -12.78
CA ALA A 36 -23.83 0.41 -11.47
C ALA A 36 -23.41 -1.06 -11.44
N LEU A 37 -23.59 -1.77 -12.55
CA LEU A 37 -23.13 -3.15 -12.64
C LEU A 37 -21.61 -3.22 -12.62
N LEU A 38 -20.94 -2.33 -13.37
CA LEU A 38 -19.48 -2.25 -13.30
C LEU A 38 -19.02 -1.81 -11.91
N SER A 39 -19.70 -0.88 -11.34
CA SER A 39 -19.36 -0.47 -9.98
C SER A 39 -19.45 -1.67 -9.05
N ASP A 40 -20.52 -2.46 -9.06
CA ASP A 40 -20.66 -3.60 -8.16
C ASP A 40 -19.63 -4.67 -8.48
N SER A 41 -19.35 -4.90 -9.76
CA SER A 41 -18.34 -5.88 -10.13
C SER A 41 -16.95 -5.45 -9.68
N PHE A 42 -16.67 -4.15 -9.71
CA PHE A 42 -15.43 -3.64 -9.15
C PHE A 42 -15.43 -3.72 -7.63
N ASN A 43 -16.60 -3.83 -7.01
CA ASN A 43 -16.71 -4.02 -5.56
C ASN A 43 -16.58 -5.48 -5.18
N MET A 44 -17.06 -6.38 -6.01
CA MET A 44 -16.91 -7.84 -5.86
C MET A 44 -15.49 -8.27 -6.18
N LEU A 45 -14.77 -7.56 -7.02
CA LEU A 45 -13.35 -7.80 -7.25
C LEU A 45 -12.53 -7.44 -6.03
N SER A 46 -12.84 -6.31 -5.39
CA SER A 46 -12.21 -5.98 -4.13
C SER A 46 -12.63 -6.97 -3.04
N ASP A 47 -13.87 -7.46 -3.09
CA ASP A 47 -14.33 -8.49 -2.16
C ASP A 47 -13.58 -9.81 -2.34
N LEU A 48 -13.25 -10.19 -3.58
CA LEU A 48 -12.49 -11.41 -3.76
C LEU A 48 -11.02 -11.21 -3.40
N ILE A 49 -10.48 -10.02 -3.64
CA ILE A 49 -9.12 -9.71 -3.20
C ILE A 49 -9.03 -9.77 -1.68
N SER A 50 -10.04 -9.25 -0.99
CA SER A 50 -10.07 -9.32 0.46
C SER A 50 -10.18 -10.77 0.95
N LEU A 51 -10.97 -11.59 0.24
CA LEU A 51 -11.08 -13.00 0.60
C LEU A 51 -9.74 -13.71 0.44
N CYS A 52 -9.03 -13.43 -0.66
CA CYS A 52 -7.72 -14.02 -0.87
C CYS A 52 -6.73 -13.56 0.20
N VAL A 53 -6.80 -12.28 0.57
CA VAL A 53 -5.91 -11.76 1.62
C VAL A 53 -6.22 -12.43 2.95
N GLY A 54 -7.50 -12.54 3.28
CA GLY A 54 -7.87 -13.19 4.54
C GLY A 54 -7.51 -14.65 4.58
N LEU A 55 -7.56 -15.33 3.44
CA LEU A 55 -7.13 -16.73 3.40
C LEU A 55 -5.61 -16.85 3.50
N SER A 56 -4.89 -15.92 2.86
CA SER A 56 -3.44 -15.91 3.00
C SER A 56 -3.03 -15.61 4.44
N ALA A 57 -3.71 -14.67 5.09
CA ALA A 57 -3.48 -14.38 6.49
C ALA A 57 -3.90 -15.52 7.40
N GLY A 58 -4.67 -16.48 6.90
CA GLY A 58 -5.01 -17.66 7.65
C GLY A 58 -3.97 -18.75 7.53
N TYR A 59 -3.19 -18.72 6.44
CA TYR A 59 -2.10 -19.67 6.27
C TYR A 59 -0.77 -19.14 6.79
N ILE A 60 -0.60 -17.82 6.84
CA ILE A 60 0.54 -17.25 7.55
C ILE A 60 0.43 -17.57 9.04
N ALA A 61 -0.74 -17.34 9.61
CA ALA A 61 -1.02 -17.81 10.97
C ALA A 61 -1.21 -19.33 10.95
N ARG A 62 -1.13 -19.92 12.14
CA ARG A 62 -1.19 -21.37 12.35
C ARG A 62 -0.04 -22.10 11.68
N ARG A 63 0.91 -21.37 11.07
CA ARG A 63 2.09 -21.93 10.43
C ARG A 63 3.14 -20.83 10.29
N PRO A 64 3.74 -20.38 11.40
CA PRO A 64 4.73 -19.30 11.30
C PRO A 64 5.96 -19.75 10.55
N THR A 65 6.65 -18.78 9.93
CA THR A 65 7.84 -19.06 9.15
C THR A 65 9.11 -18.57 9.84
N ARG A 66 9.20 -17.27 10.14
CA ARG A 66 10.36 -16.68 10.79
C ARG A 66 11.66 -17.11 10.08
N GLY A 67 11.76 -16.69 8.82
CA GLY A 67 12.86 -17.08 7.97
C GLY A 67 14.07 -16.19 8.10
N PHE A 68 15.00 -16.35 7.17
CA PHE A 68 16.20 -15.53 7.12
C PHE A 68 16.02 -14.25 6.32
N SER A 69 14.86 -14.07 5.67
CA SER A 69 14.54 -12.86 4.94
C SER A 69 13.37 -12.10 5.52
N ALA A 70 12.57 -12.71 6.40
CA ALA A 70 11.44 -12.07 7.06
C ALA A 70 11.54 -12.43 8.54
N THR A 71 12.25 -11.58 9.30
CA THR A 71 12.51 -11.89 10.70
C THR A 71 11.26 -11.77 11.57
N TYR A 72 10.30 -10.95 11.16
CA TYR A 72 9.02 -10.85 11.84
C TYR A 72 7.96 -11.78 11.27
N GLY A 73 8.31 -12.58 10.28
CA GLY A 73 7.33 -13.38 9.57
C GLY A 73 6.58 -12.56 8.54
N TYR A 74 5.59 -13.21 7.92
CA TYR A 74 4.74 -12.56 6.93
C TYR A 74 3.39 -12.18 7.50
N ALA A 75 3.34 -11.88 8.80
CA ALA A 75 2.09 -11.51 9.45
C ALA A 75 1.59 -10.14 9.03
N ARG A 76 2.46 -9.30 8.48
CA ARG A 76 2.08 -7.97 8.03
C ARG A 76 1.37 -7.98 6.68
N ALA A 77 1.12 -9.16 6.12
CA ALA A 77 0.45 -9.25 4.82
C ALA A 77 -1.03 -8.89 4.90
N GLU A 78 -1.63 -8.94 6.10
CA GLU A 78 -3.02 -8.53 6.26
C GLU A 78 -3.18 -7.02 6.38
N VAL A 79 -2.09 -6.30 6.60
CA VAL A 79 -2.11 -4.84 6.58
C VAL A 79 -1.67 -4.30 5.23
N VAL A 80 -0.65 -4.92 4.63
CA VAL A 80 -0.24 -4.54 3.28
C VAL A 80 -1.29 -4.95 2.27
N GLY A 81 -1.88 -6.14 2.45
CA GLY A 81 -2.95 -6.59 1.58
C GLY A 81 -4.27 -5.89 1.77
N ALA A 82 -4.44 -5.18 2.89
CA ALA A 82 -5.64 -4.37 3.11
C ALA A 82 -5.48 -2.94 2.64
N LEU A 83 -4.25 -2.41 2.68
CA LEU A 83 -3.99 -1.11 2.08
C LEU A 83 -3.91 -1.20 0.57
N SER A 84 -3.38 -2.32 0.04
CA SER A 84 -3.33 -2.52 -1.40
C SER A 84 -4.69 -2.85 -1.98
N ASN A 85 -5.65 -3.29 -1.16
CA ASN A 85 -7.00 -3.54 -1.63
C ASN A 85 -7.87 -2.29 -1.56
N ALA A 86 -7.62 -1.41 -0.58
CA ALA A 86 -8.37 -0.17 -0.50
C ALA A 86 -7.91 0.82 -1.57
N VAL A 87 -6.61 0.86 -1.86
CA VAL A 87 -6.12 1.72 -2.93
C VAL A 87 -6.58 1.19 -4.28
N PHE A 88 -6.58 -0.13 -4.45
CA PHE A 88 -7.13 -0.73 -5.67
C PHE A 88 -8.59 -0.36 -5.85
N LEU A 89 -9.37 -0.44 -4.77
CA LEU A 89 -10.79 -0.09 -4.83
C LEU A 89 -10.98 1.39 -5.10
N THR A 90 -10.14 2.24 -4.48
CA THR A 90 -10.24 3.68 -4.72
C THR A 90 -9.95 4.02 -6.17
N ALA A 91 -8.94 3.38 -6.76
CA ALA A 91 -8.63 3.63 -8.16
C ALA A 91 -9.74 3.13 -9.08
N LEU A 92 -10.34 1.99 -8.74
CA LEU A 92 -11.49 1.51 -9.51
C LEU A 92 -12.67 2.48 -9.39
N CYS A 93 -12.91 3.01 -8.20
CA CYS A 93 -13.99 3.98 -8.02
C CYS A 93 -13.71 5.28 -8.75
N PHE A 94 -12.43 5.63 -8.94
CA PHE A 94 -12.10 6.82 -9.71
C PHE A 94 -12.56 6.68 -11.15
N THR A 95 -12.27 5.54 -11.78
CA THR A 95 -12.71 5.31 -13.15
C THR A 95 -14.23 5.20 -13.21
N ILE A 96 -14.84 4.61 -12.19
CA ILE A 96 -16.30 4.51 -12.16
C ILE A 96 -16.91 5.90 -12.07
N PHE A 97 -16.34 6.76 -11.21
CA PHE A 97 -16.84 8.12 -11.08
C PHE A 97 -16.65 8.91 -12.37
N VAL A 98 -15.50 8.75 -13.03
CA VAL A 98 -15.24 9.48 -14.27
C VAL A 98 -16.22 9.05 -15.35
N GLU A 99 -16.46 7.75 -15.49
CA GLU A 99 -17.47 7.28 -16.44
C GLU A 99 -18.89 7.58 -15.98
N ALA A 100 -19.08 7.99 -14.72
CA ALA A 100 -20.41 8.38 -14.28
C ALA A 100 -20.71 9.86 -14.49
N VAL A 101 -19.68 10.71 -14.52
CA VAL A 101 -19.91 12.12 -14.80
C VAL A 101 -20.06 12.37 -16.28
N LEU A 102 -19.37 11.60 -17.13
CA LEU A 102 -19.51 11.75 -18.57
C LEU A 102 -20.82 11.20 -19.10
N ARG A 103 -21.46 10.29 -18.37
CA ARG A 103 -22.79 9.82 -18.72
C ARG A 103 -23.88 10.70 -18.13
N LEU A 104 -23.55 11.56 -17.17
CA LEU A 104 -24.47 12.60 -16.74
C LEU A 104 -24.50 13.76 -17.75
N ALA A 105 -23.40 13.96 -18.48
CA ALA A 105 -23.38 14.97 -19.53
C ALA A 105 -24.00 14.43 -20.81
N ARG A 106 -23.50 13.29 -21.30
CA ARG A 106 -24.08 12.62 -22.45
C ARG A 106 -24.80 11.37 -21.97
N PRO A 107 -26.12 11.37 -21.87
CA PRO A 107 -26.83 10.23 -21.28
C PRO A 107 -26.95 9.06 -22.25
N GLU A 108 -26.79 7.86 -21.70
CA GLU A 108 -27.00 6.61 -22.43
C GLU A 108 -28.02 5.77 -21.67
N ARG A 109 -28.49 4.70 -22.30
CA ARG A 109 -29.57 3.91 -21.73
C ARG A 109 -29.07 2.50 -21.42
N ILE A 110 -30.00 1.61 -21.09
CA ILE A 110 -29.70 0.21 -20.79
C ILE A 110 -30.29 -0.63 -21.91
N ASP A 111 -29.43 -1.43 -22.56
CA ASP A 111 -29.87 -2.23 -23.69
C ASP A 111 -30.71 -3.42 -23.25
N ASP A 112 -30.29 -4.09 -22.17
CA ASP A 112 -30.96 -5.30 -21.69
C ASP A 112 -31.26 -5.17 -20.21
N PRO A 113 -32.40 -4.54 -19.86
CA PRO A 113 -32.77 -4.47 -18.44
C PRO A 113 -32.93 -5.84 -17.79
N GLU A 114 -33.42 -6.83 -18.55
CA GLU A 114 -33.56 -8.17 -18.01
C GLU A 114 -32.20 -8.76 -17.67
N LEU A 115 -31.23 -8.62 -18.57
CA LEU A 115 -29.89 -9.12 -18.29
C LEU A 115 -29.26 -8.35 -17.14
N VAL A 116 -29.61 -7.07 -16.97
CA VAL A 116 -29.16 -6.30 -15.82
C VAL A 116 -29.90 -6.71 -14.55
N LEU A 117 -31.21 -6.95 -14.66
CA LEU A 117 -31.99 -7.34 -13.48
C LEU A 117 -31.60 -8.74 -13.00
N ILE A 118 -31.48 -9.69 -13.92
CA ILE A 118 -31.15 -11.07 -13.54
C ILE A 118 -29.82 -11.12 -12.80
N VAL A 119 -28.76 -10.62 -13.44
CA VAL A 119 -27.46 -10.58 -12.79
C VAL A 119 -27.42 -9.57 -11.66
N GLY A 120 -28.32 -8.59 -11.66
CA GLY A 120 -28.41 -7.68 -10.53
C GLY A 120 -28.88 -8.38 -9.27
N VAL A 121 -29.95 -9.19 -9.37
CA VAL A 121 -30.38 -9.99 -8.23
C VAL A 121 -29.39 -11.12 -7.98
N LEU A 122 -28.96 -11.80 -9.04
CA LEU A 122 -27.95 -12.87 -8.93
C LEU A 122 -26.60 -12.20 -8.70
N GLY A 123 -26.34 -11.86 -7.44
CA GLY A 123 -25.22 -11.04 -7.07
C GLY A 123 -25.63 -10.16 -5.91
N LEU A 124 -26.94 -9.94 -5.78
CA LEU A 124 -27.51 -9.48 -4.53
C LEU A 124 -27.88 -10.65 -3.63
N LEU A 125 -28.28 -11.78 -4.23
CA LEU A 125 -28.47 -13.02 -3.50
C LEU A 125 -27.16 -13.64 -3.04
N VAL A 126 -26.02 -13.14 -3.54
CA VAL A 126 -24.72 -13.63 -3.10
C VAL A 126 -24.25 -12.90 -1.84
N ASN A 127 -24.53 -11.61 -1.74
CA ASN A 127 -24.26 -10.87 -0.51
C ASN A 127 -25.30 -11.12 0.56
N VAL A 128 -26.25 -12.03 0.31
CA VAL A 128 -27.12 -12.57 1.34
C VAL A 128 -26.71 -13.98 1.76
N VAL A 129 -25.97 -14.70 0.91
CA VAL A 129 -25.30 -15.92 1.32
C VAL A 129 -23.89 -15.63 1.82
N GLY A 130 -23.61 -14.39 2.19
CA GLY A 130 -22.36 -13.97 2.80
C GLY A 130 -22.45 -13.83 4.30
N LEU A 131 -22.67 -12.60 4.76
CA LEU A 131 -22.70 -12.31 6.19
C LEU A 131 -23.72 -13.17 6.94
N LEU A 132 -24.79 -13.58 6.28
CA LEU A 132 -25.86 -14.30 6.96
C LEU A 132 -25.38 -15.63 7.52
N ILE A 133 -24.65 -16.40 6.71
CA ILE A 133 -24.22 -17.72 7.15
C ILE A 133 -22.75 -17.73 7.52
N LEU A 243 -17.72 -3.27 7.00
CA LEU A 243 -18.67 -2.32 6.44
C LEU A 243 -18.74 -2.48 4.93
N HIS A 244 -17.66 -2.98 4.35
CA HIS A 244 -17.63 -3.19 2.91
C HIS A 244 -18.62 -4.28 2.51
N VAL A 245 -18.65 -5.38 3.27
CA VAL A 245 -19.64 -6.43 3.02
C VAL A 245 -21.03 -5.90 3.24
N MET A 246 -21.24 -5.11 4.30
CA MET A 246 -22.53 -4.44 4.49
C MET A 246 -22.80 -3.45 3.38
N GLY A 247 -21.78 -2.72 2.91
CA GLY A 247 -21.92 -1.77 1.84
C GLY A 247 -21.86 -2.32 0.43
N ASP A 248 -21.59 -3.63 0.26
CA ASP A 248 -21.66 -4.23 -1.07
C ASP A 248 -23.08 -4.55 -1.48
N ALA A 249 -23.96 -4.81 -0.51
CA ALA A 249 -25.35 -5.15 -0.81
C ALA A 249 -26.15 -3.95 -1.27
N LEU A 250 -25.81 -2.74 -0.82
CA LEU A 250 -26.50 -1.56 -1.31
C LEU A 250 -26.17 -1.28 -2.77
N GLY A 251 -24.94 -1.56 -3.19
CA GLY A 251 -24.59 -1.39 -4.59
C GLY A 251 -25.32 -2.34 -5.50
N SER A 252 -25.73 -3.50 -4.99
CA SER A 252 -26.54 -4.44 -5.76
C SER A 252 -28.02 -4.11 -5.72
N VAL A 253 -28.44 -3.15 -4.89
CA VAL A 253 -29.81 -2.68 -4.93
C VAL A 253 -29.97 -1.60 -6.00
N VAL A 254 -28.93 -0.81 -6.23
CA VAL A 254 -28.98 0.23 -7.26
C VAL A 254 -29.15 -0.41 -8.64
N VAL A 255 -28.49 -1.54 -8.87
CA VAL A 255 -28.59 -2.22 -10.16
C VAL A 255 -30.01 -2.73 -10.40
N VAL A 256 -30.63 -3.30 -9.37
CA VAL A 256 -32.00 -3.80 -9.51
C VAL A 256 -33.01 -2.65 -9.54
N ILE A 257 -32.70 -1.52 -8.90
CA ILE A 257 -33.58 -0.36 -8.98
C ILE A 257 -33.54 0.24 -10.39
N THR A 258 -32.34 0.40 -10.96
CA THR A 258 -32.23 0.98 -12.29
C THR A 258 -32.90 0.10 -13.34
N ALA A 259 -32.74 -1.22 -13.23
CA ALA A 259 -33.35 -2.13 -14.20
C ALA A 259 -34.88 -2.06 -14.12
N ILE A 260 -35.42 -1.97 -12.89
CA ILE A 260 -36.86 -1.89 -12.72
C ILE A 260 -37.42 -0.63 -13.38
N ILE A 261 -36.75 0.50 -13.19
CA ILE A 261 -37.20 1.76 -13.79
C ILE A 261 -37.20 1.68 -15.31
N PHE A 262 -36.33 0.86 -15.90
CA PHE A 262 -36.24 0.72 -17.34
C PHE A 262 -37.17 -0.36 -17.89
N TYR A 263 -37.91 -1.05 -17.02
CA TYR A 263 -38.74 -2.18 -17.40
C TYR A 263 -40.21 -2.00 -17.01
N VAL A 264 -40.49 -1.32 -15.91
CA VAL A 264 -41.84 -0.92 -15.54
C VAL A 264 -42.15 0.41 -16.21
N LEU A 265 -41.22 0.89 -17.03
CA LEU A 265 -41.37 2.15 -17.75
C LEU A 265 -40.42 2.13 -18.95
N PRO A 266 -40.72 1.34 -19.98
CA PRO A 266 -39.74 1.11 -21.05
C PRO A 266 -39.47 2.36 -21.89
N LEU A 267 -38.36 2.31 -22.60
CA LEU A 267 -37.90 3.40 -23.46
C LEU A 267 -37.54 2.81 -24.82
N LYS A 268 -38.40 3.01 -25.81
CA LYS A 268 -38.16 2.47 -27.14
C LYS A 268 -36.87 3.06 -27.72
N SER A 269 -36.20 2.27 -28.56
CA SER A 269 -34.93 2.69 -29.13
C SER A 269 -35.07 3.99 -29.92
N GLU A 270 -36.26 4.27 -30.44
CA GLU A 270 -36.47 5.41 -31.32
C GLU A 270 -36.57 6.74 -30.57
N ASP A 271 -36.81 6.70 -29.27
CA ASP A 271 -37.01 7.91 -28.47
C ASP A 271 -35.68 8.42 -27.93
N PRO A 272 -35.62 9.70 -27.56
CA PRO A 272 -34.42 10.23 -26.90
C PRO A 272 -34.36 9.85 -25.43
N CYS A 273 -33.17 9.99 -24.86
CA CYS A 273 -33.04 9.75 -23.43
C CYS A 273 -33.93 10.69 -22.61
N ASN A 274 -34.73 10.10 -21.74
CA ASN A 274 -35.56 10.78 -20.77
C ASN A 274 -34.77 10.93 -19.46
N TRP A 275 -35.49 11.24 -18.37
CA TRP A 275 -34.88 11.27 -17.05
C TRP A 275 -34.31 9.91 -16.64
N GLN A 276 -34.82 8.82 -17.20
CA GLN A 276 -34.37 7.49 -16.77
C GLN A 276 -32.88 7.28 -17.04
N CYS A 277 -32.34 7.88 -18.11
CA CYS A 277 -30.92 7.72 -18.42
C CYS A 277 -30.02 8.35 -17.37
N TYR A 278 -30.57 9.16 -16.47
CA TYR A 278 -29.78 9.82 -15.44
C TYR A 278 -29.77 9.08 -14.10
N ILE A 279 -30.75 8.20 -13.86
CA ILE A 279 -30.80 7.52 -12.56
C ILE A 279 -29.58 6.64 -12.36
N ASP A 280 -29.16 5.92 -13.40
CA ASP A 280 -28.02 5.02 -13.27
C ASP A 280 -26.72 5.76 -12.94
N PRO A 281 -26.34 6.84 -13.65
CA PRO A 281 -25.12 7.54 -13.23
C PRO A 281 -25.25 8.28 -11.92
N SER A 282 -26.44 8.81 -11.61
CA SER A 282 -26.60 9.57 -10.37
C SER A 282 -26.43 8.68 -9.15
N LEU A 283 -27.04 7.49 -9.16
CA LEU A 283 -26.93 6.59 -8.04
C LEU A 283 -25.59 5.88 -7.99
N THR A 284 -24.87 5.82 -9.10
CA THR A 284 -23.52 5.27 -9.10
C THR A 284 -22.52 6.27 -8.51
N VAL A 285 -22.75 7.56 -8.70
CA VAL A 285 -21.95 8.57 -8.01
C VAL A 285 -22.15 8.47 -6.51
N LEU A 286 -23.40 8.29 -6.08
CA LEU A 286 -23.69 8.11 -4.66
C LEU A 286 -23.06 6.84 -4.11
N MET A 287 -22.98 5.79 -4.93
CA MET A 287 -22.37 4.54 -4.47
C MET A 287 -20.85 4.65 -4.39
N VAL A 288 -20.24 5.47 -5.22
CA VAL A 288 -18.80 5.71 -5.10
C VAL A 288 -18.50 6.46 -3.81
N ILE A 289 -19.37 7.42 -3.46
CA ILE A 289 -19.20 8.16 -2.21
C ILE A 289 -19.38 7.23 -1.01
N ILE A 290 -20.32 6.30 -1.09
CA ILE A 290 -20.51 5.33 0.00
C ILE A 290 -19.38 4.32 0.05
N ILE A 291 -18.88 3.87 -1.11
CA ILE A 291 -17.78 2.92 -1.11
C ILE A 291 -16.49 3.56 -0.61
N LEU A 292 -16.23 4.80 -1.03
CA LEU A 292 -15.04 5.52 -0.59
C LEU A 292 -15.20 6.14 0.80
N SER A 293 -16.38 6.07 1.40
CA SER A 293 -16.57 6.48 2.77
C SER A 293 -16.20 5.39 3.76
N SER A 294 -15.98 4.16 3.29
CA SER A 294 -15.44 3.08 4.10
C SER A 294 -14.01 2.73 3.73
N ALA A 295 -13.62 2.95 2.47
CA ALA A 295 -12.23 2.74 2.07
C ALA A 295 -11.32 3.82 2.64
N PHE A 296 -11.80 5.07 2.69
CA PHE A 296 -10.97 6.15 3.22
C PHE A 296 -10.59 5.92 4.68
N PRO A 297 -11.48 5.52 5.59
CA PRO A 297 -11.02 5.17 6.94
C PRO A 297 -10.09 3.97 6.98
N LEU A 298 -10.07 3.14 5.94
CA LEU A 298 -9.20 1.99 5.90
C LEU A 298 -7.80 2.31 5.40
N ILE A 299 -7.67 3.25 4.45
CA ILE A 299 -6.34 3.65 4.00
C ILE A 299 -5.61 4.40 5.11
N LYS A 300 -6.32 5.21 5.88
CA LYS A 300 -5.68 5.97 6.95
C LYS A 300 -5.33 5.09 8.15
N GLU A 301 -6.16 4.08 8.45
CA GLU A 301 -5.90 3.21 9.59
C GLU A 301 -4.79 2.20 9.29
N THR A 302 -4.67 1.75 8.06
CA THR A 302 -3.65 0.77 7.70
C THR A 302 -2.32 1.40 7.34
N ALA A 303 -2.32 2.61 6.77
CA ALA A 303 -1.06 3.27 6.45
C ALA A 303 -0.33 3.70 7.71
N ALA A 304 -1.06 4.07 8.77
CA ALA A 304 -0.42 4.42 10.02
C ALA A 304 0.37 3.24 10.57
N ILE A 305 -0.11 2.01 10.34
CA ILE A 305 0.63 0.83 10.76
C ILE A 305 1.89 0.66 9.94
N LEU A 306 1.79 0.84 8.62
CA LEU A 306 2.93 0.67 7.73
C LEU A 306 3.84 1.89 7.70
N LEU A 307 3.46 2.98 8.35
CA LEU A 307 4.30 4.16 8.48
C LEU A 307 5.12 4.14 9.77
N GLN A 308 5.07 3.03 10.52
CA GLN A 308 5.75 2.89 11.80
C GLN A 308 5.31 3.96 12.79
N MET A 309 4.01 4.26 12.79
CA MET A 309 3.43 5.20 13.72
C MET A 309 2.99 4.48 14.99
N VAL A 310 2.88 5.24 16.07
CA VAL A 310 2.49 4.66 17.36
C VAL A 310 1.05 4.16 17.26
N PRO A 311 0.75 2.96 17.76
CA PRO A 311 -0.63 2.45 17.69
C PRO A 311 -1.61 3.37 18.40
N LYS A 312 -2.83 3.42 17.87
CA LYS A 312 -3.83 4.35 18.39
C LYS A 312 -4.20 4.04 19.84
N GLY A 313 -4.26 2.76 20.20
CA GLY A 313 -4.63 2.40 21.56
C GLY A 313 -3.62 2.85 22.59
N VAL A 314 -2.34 2.87 22.23
CA VAL A 314 -1.29 3.22 23.19
C VAL A 314 -1.36 4.71 23.50
N ASN A 315 -1.37 5.05 24.79
CA ASN A 315 -1.36 6.43 25.24
C ASN A 315 0.10 6.83 25.49
N MET A 316 0.73 7.40 24.47
CA MET A 316 2.15 7.72 24.53
C MET A 316 2.47 8.83 25.52
N GLU A 317 1.47 9.57 25.99
CA GLU A 317 1.71 10.62 26.98
C GLU A 317 1.84 10.03 28.38
N GLU A 318 0.83 9.26 28.81
CA GLU A 318 0.90 8.62 30.12
C GLU A 318 2.02 7.60 30.17
N LEU A 319 2.23 6.86 29.09
CA LEU A 319 3.29 5.86 29.06
C LEU A 319 4.65 6.50 29.25
N MET A 320 4.93 7.58 28.52
CA MET A 320 6.21 8.25 28.65
C MET A 320 6.32 9.04 29.96
N SER A 321 5.20 9.39 30.57
CA SER A 321 5.26 10.04 31.88
C SER A 321 5.58 9.03 32.97
N LYS A 322 5.04 7.81 32.86
CA LYS A 322 5.37 6.77 33.83
C LYS A 322 6.78 6.23 33.63
N LEU A 323 7.26 6.22 32.38
CA LEU A 323 8.59 5.69 32.10
C LEU A 323 9.67 6.50 32.79
N SER A 324 9.55 7.82 32.77
CA SER A 324 10.53 8.69 33.40
C SER A 324 10.43 8.69 34.92
N ALA A 325 9.36 8.13 35.49
CA ALA A 325 9.19 8.10 36.94
C ALA A 325 9.72 6.83 37.58
N VAL A 326 10.34 5.95 36.80
CA VAL A 326 10.87 4.69 37.36
C VAL A 326 12.08 5.01 38.24
N PRO A 327 12.10 4.56 39.50
CA PRO A 327 13.27 4.81 40.34
C PRO A 327 14.50 4.10 39.79
N GLY A 328 15.62 4.80 39.77
CA GLY A 328 16.87 4.29 39.26
C GLY A 328 17.15 4.61 37.80
N ILE A 329 16.18 5.14 37.08
CA ILE A 329 16.37 5.52 35.68
C ILE A 329 16.78 6.98 35.62
N SER A 330 17.83 7.27 34.85
CA SER A 330 18.34 8.63 34.72
C SER A 330 17.98 9.30 33.41
N SER A 331 17.81 8.55 32.33
CA SER A 331 17.45 9.13 31.05
C SER A 331 16.84 8.04 30.17
N VAL A 332 15.94 8.47 29.29
CA VAL A 332 15.24 7.57 28.38
C VAL A 332 15.26 8.19 26.99
N HIS A 333 15.85 7.47 26.03
CA HIS A 333 15.89 7.96 24.65
C HIS A 333 15.59 6.80 23.70
N GLU A 334 15.39 7.16 22.43
CA GLU A 334 15.14 6.19 21.36
C GLU A 334 13.95 5.29 21.69
N VAL A 335 12.83 5.92 22.06
CA VAL A 335 11.63 5.20 22.46
C VAL A 335 10.80 5.02 21.20
N HIS A 336 11.01 3.90 20.52
CA HIS A 336 10.28 3.57 19.31
C HIS A 336 9.21 2.54 19.63
N ILE A 337 7.95 2.92 19.42
CA ILE A 337 6.81 2.03 19.56
C ILE A 337 6.10 1.97 18.23
N TRP A 338 5.92 0.76 17.71
CA TRP A 338 5.19 0.56 16.46
C TRP A 338 4.40 -0.73 16.55
N GLU A 339 3.50 -0.92 15.59
CA GLU A 339 2.56 -2.03 15.59
C GLU A 339 2.82 -2.91 14.37
N LEU A 340 3.08 -4.19 14.60
CA LEU A 340 3.22 -5.13 13.49
C LEU A 340 1.84 -5.55 12.99
N VAL A 341 1.05 -6.18 13.86
CA VAL A 341 -0.36 -6.47 13.63
C VAL A 341 -1.10 -6.21 14.93
N SER A 342 -2.42 -6.42 14.90
CA SER A 342 -3.24 -6.15 16.07
C SER A 342 -2.81 -7.03 17.23
N GLY A 343 -2.42 -6.39 18.33
CA GLY A 343 -1.95 -7.12 19.49
C GLY A 343 -0.44 -7.17 19.59
N LYS A 344 0.24 -7.29 18.46
CA LYS A 344 1.70 -7.34 18.41
C LYS A 344 2.22 -5.91 18.29
N ILE A 345 2.71 -5.37 19.41
CA ILE A 345 3.29 -4.03 19.45
C ILE A 345 4.73 -4.16 19.90
N ILE A 346 5.65 -3.63 19.10
CA ILE A 346 7.08 -3.71 19.37
C ILE A 346 7.55 -2.35 19.85
N ALA A 347 8.22 -2.33 21.00
CA ALA A 347 8.66 -1.09 21.65
C ALA A 347 10.16 -1.16 21.90
N THR A 348 10.94 -0.62 20.96
CA THR A 348 12.37 -0.44 21.18
C THR A 348 12.60 0.76 22.11
N LEU A 349 13.68 0.70 22.87
CA LEU A 349 13.87 1.69 23.94
C LEU A 349 15.31 1.63 24.44
N HIS A 350 15.97 2.78 24.54
CA HIS A 350 17.27 2.91 25.17
C HIS A 350 17.10 3.65 26.49
N ILE A 351 17.82 3.23 27.52
CA ILE A 351 17.64 3.77 28.86
C ILE A 351 19.00 3.86 29.54
N LYS A 352 19.34 5.06 30.01
CA LYS A 352 20.57 5.26 30.77
C LYS A 352 20.31 5.02 32.26
N TYR A 353 21.38 4.65 32.97
CA TYR A 353 21.25 4.29 34.38
C TYR A 353 22.59 4.53 35.07
N PRO A 354 22.58 4.88 36.35
CA PRO A 354 23.85 5.06 37.07
C PRO A 354 24.64 3.77 37.18
N LYS A 355 25.97 3.90 37.06
CA LYS A 355 26.84 2.72 36.99
C LYS A 355 26.88 1.95 38.31
N ASP A 356 26.68 2.64 39.43
CA ASP A 356 26.76 2.01 40.74
C ASP A 356 25.47 1.31 41.15
N ARG A 357 24.42 1.39 40.34
CA ARG A 357 23.14 0.77 40.65
C ARG A 357 22.75 -0.21 39.56
N GLY A 358 22.27 -1.38 39.96
CA GLY A 358 21.78 -2.34 38.99
C GLY A 358 20.46 -1.92 38.38
N TYR A 359 20.12 -2.57 37.27
CA TYR A 359 18.90 -2.24 36.54
C TYR A 359 17.91 -3.40 36.49
N GLN A 360 18.00 -4.32 37.46
CA GLN A 360 17.08 -5.46 37.46
C GLN A 360 15.69 -5.03 37.89
N ASP A 361 15.56 -4.36 39.04
CA ASP A 361 14.26 -3.88 39.48
C ASP A 361 13.73 -2.81 38.55
N ALA A 362 14.62 -1.97 38.01
CA ALA A 362 14.20 -0.99 37.01
C ALA A 362 13.66 -1.68 35.77
N SER A 363 14.33 -2.73 35.31
CA SER A 363 13.85 -3.48 34.15
C SER A 363 12.47 -4.06 34.41
N THR A 364 12.28 -4.67 35.59
CA THR A 364 10.99 -5.26 35.92
C THR A 364 9.90 -4.20 35.91
N LYS A 365 10.17 -3.01 36.46
CA LYS A 365 9.19 -1.95 36.44
C LYS A 365 8.87 -1.49 35.02
N ILE A 366 9.89 -1.36 34.18
CA ILE A 366 9.68 -0.86 32.82
C ILE A 366 8.84 -1.84 32.01
N ARG A 367 9.15 -3.14 32.09
CA ARG A 367 8.36 -4.12 31.35
C ARG A 367 6.99 -4.38 31.96
N GLU A 368 6.78 -4.02 33.22
CA GLU A 368 5.44 -4.09 33.79
C GLU A 368 4.62 -2.84 33.48
N ILE A 369 5.28 -1.71 33.28
CA ILE A 369 4.59 -0.51 32.81
C ILE A 369 4.11 -0.71 31.37
N PHE A 370 4.97 -1.29 30.53
CA PHE A 370 4.59 -1.57 29.14
C PHE A 370 3.53 -2.65 29.05
N HIS A 371 3.54 -3.61 29.99
CA HIS A 371 2.54 -4.67 29.98
C HIS A 371 1.15 -4.11 30.22
N HIS A 372 1.02 -3.16 31.15
CA HIS A 372 -0.28 -2.55 31.43
C HIS A 372 -0.78 -1.70 30.28
N ALA A 373 0.09 -1.35 29.33
CA ALA A 373 -0.28 -0.56 28.16
C ALA A 373 -0.57 -1.42 26.95
N GLY A 374 -0.55 -2.75 27.09
CA GLY A 374 -0.79 -3.63 25.98
C GLY A 374 0.40 -3.91 25.10
N ILE A 375 1.60 -3.57 25.55
CA ILE A 375 2.83 -3.79 24.79
C ILE A 375 3.62 -4.87 25.50
N HIS A 376 3.87 -5.98 24.81
CA HIS A 376 4.59 -7.12 25.37
C HIS A 376 5.90 -7.41 24.66
N ASN A 377 6.17 -6.77 23.52
CA ASN A 377 7.43 -6.94 22.80
C ASN A 377 8.29 -5.73 23.12
N VAL A 378 9.02 -5.80 24.24
CA VAL A 378 9.82 -4.68 24.74
C VAL A 378 11.28 -5.09 24.69
N THR A 379 12.09 -4.30 23.99
CA THR A 379 13.54 -4.44 23.96
C THR A 379 14.15 -3.20 24.57
N ILE A 380 14.92 -3.36 25.64
CA ILE A 380 15.51 -2.25 26.35
C ILE A 380 17.03 -2.39 26.27
N GLN A 381 17.68 -1.33 25.77
CA GLN A 381 19.14 -1.23 25.77
C GLN A 381 19.54 -0.30 26.91
N PHE A 382 20.20 -0.86 27.92
CA PHE A 382 20.62 -0.10 29.08
C PHE A 382 22.02 0.43 28.85
N GLU A 383 22.14 1.75 28.76
CA GLU A 383 23.41 2.43 28.53
C GLU A 383 23.89 3.05 29.84
N ASN A 384 25.18 2.87 30.12
CA ASN A 384 25.70 3.29 31.42
C ASN A 384 25.76 4.81 31.53
N VAL A 385 25.89 5.28 32.76
CA VAL A 385 26.14 6.69 33.06
C VAL A 385 27.03 6.78 34.30
N ASP A 395 24.84 17.90 29.87
CA ASP A 395 23.88 17.50 28.85
C ASP A 395 24.52 16.60 27.81
N LEU A 396 25.80 16.29 28.01
CA LEU A 396 26.47 15.24 27.28
C LEU A 396 26.23 13.87 27.90
N LEU A 397 25.48 13.84 29.01
CA LEU A 397 25.08 12.62 29.68
C LEU A 397 23.68 12.19 29.28
N LEU A 398 23.10 12.81 28.25
CA LEU A 398 21.74 12.51 27.82
C LEU A 398 21.66 12.05 26.37
N LEU A 399 22.79 11.93 25.68
CA LEU A 399 22.82 11.37 24.35
C LEU A 399 23.04 9.87 24.41
N CYS A 400 22.86 9.22 23.26
CA CYS A 400 23.16 7.79 23.18
C CYS A 400 24.65 7.56 23.42
N ASN A 401 24.95 6.60 24.30
CA ASN A 401 26.33 6.16 24.46
C ASN A 401 26.77 5.21 23.37
N SER A 402 25.83 4.64 22.60
CA SER A 402 26.15 3.60 21.62
C SER A 402 25.50 3.90 20.27
N PRO A 403 25.96 4.95 19.58
CA PRO A 403 25.59 5.10 18.17
C PRO A 403 26.42 4.17 17.31
N CYS A 404 26.34 4.31 15.99
CA CYS A 404 27.21 3.52 15.12
C CYS A 404 28.67 3.74 15.48
N ILE A 405 29.53 2.83 15.01
CA ILE A 405 30.93 2.82 15.41
C ILE A 405 31.70 4.05 14.96
N SER A 406 31.14 4.84 14.05
CA SER A 406 31.80 6.04 13.55
C SER A 406 30.85 7.23 13.60
N LYS A 407 31.43 8.42 13.70
CA LYS A 407 30.62 9.64 13.72
C LYS A 407 29.94 9.89 12.38
N GLY A 408 30.53 9.40 11.29
CA GLY A 408 29.93 9.56 9.97
C GLY A 408 28.62 8.82 9.78
N CYS A 409 28.29 7.90 10.69
CA CYS A 409 27.02 7.19 10.64
C CYS A 409 25.83 8.05 11.06
N ALA A 410 26.08 9.25 11.61
CA ALA A 410 25.00 10.09 12.10
C ALA A 410 24.00 10.44 11.00
N LYS A 411 24.47 10.53 9.75
CA LYS A 411 23.54 10.76 8.64
C LYS A 411 22.58 9.59 8.47
N GLN A 412 23.09 8.36 8.61
CA GLN A 412 22.28 7.16 8.44
C GLN A 412 21.57 6.70 9.70
N LEU A 413 21.78 7.38 10.82
CA LEU A 413 21.05 7.04 12.04
C LEU A 413 19.62 7.56 11.96
N CYS A 414 18.67 6.74 12.42
CA CYS A 414 17.34 7.25 12.71
C CYS A 414 17.39 8.03 14.02
N CYS A 415 16.35 8.84 14.27
CA CYS A 415 16.34 9.81 15.37
C CYS A 415 17.73 10.42 15.48
N PRO A 416 18.19 11.14 14.45
CA PRO A 416 19.61 11.40 14.31
C PRO A 416 20.10 12.36 15.38
N PRO A 417 21.39 12.25 15.78
CA PRO A 417 22.02 13.13 16.76
C PRO A 417 22.53 14.43 16.16
N ARG B 10 16.00 21.36 -6.51
CA ARG B 10 14.84 20.76 -7.15
C ARG B 10 13.93 21.83 -7.76
N LEU B 11 13.10 21.41 -8.71
CA LEU B 11 12.06 22.26 -9.28
C LEU B 11 10.73 21.56 -9.15
N LEU B 12 9.70 22.31 -8.76
CA LEU B 12 8.35 21.78 -8.60
C LEU B 12 7.40 22.28 -9.67
N PHE B 13 7.90 23.01 -10.68
CA PHE B 13 7.04 23.57 -11.70
C PHE B 13 6.66 22.52 -12.73
N MET B 14 6.16 21.40 -12.24
CA MET B 14 5.65 20.31 -13.07
C MET B 14 4.20 19.97 -12.78
N LEU B 15 3.76 20.13 -11.53
CA LEU B 15 2.36 19.92 -11.20
C LEU B 15 1.45 20.85 -11.99
N VAL B 16 1.89 22.10 -12.17
CA VAL B 16 1.11 23.03 -12.98
C VAL B 16 0.92 22.49 -14.38
N LEU B 17 1.96 21.87 -14.95
CA LEU B 17 1.87 21.33 -16.30
C LEU B 17 1.25 19.94 -16.31
N THR B 18 1.75 19.05 -15.44
CA THR B 18 1.31 17.66 -15.46
C THR B 18 -0.16 17.53 -15.09
N VAL B 19 -0.61 18.22 -14.04
CA VAL B 19 -2.00 18.14 -13.64
C VAL B 19 -2.90 18.76 -14.71
N ALA B 20 -2.44 19.85 -15.34
CA ALA B 20 -3.26 20.51 -16.37
C ALA B 20 -3.41 19.64 -17.61
N PHE B 21 -2.37 18.89 -17.97
CA PHE B 21 -2.44 18.04 -19.15
C PHE B 21 -3.01 16.66 -18.87
N PHE B 22 -3.02 16.22 -17.62
CA PHE B 22 -3.75 15.01 -17.27
C PHE B 22 -5.25 15.20 -17.51
N VAL B 23 -5.78 16.36 -17.12
CA VAL B 23 -7.18 16.65 -17.37
C VAL B 23 -7.43 16.81 -18.86
N ALA B 24 -6.50 17.44 -19.57
CA ALA B 24 -6.64 17.62 -21.02
C ALA B 24 -6.69 16.28 -21.74
N GLU B 25 -5.84 15.33 -21.38
CA GLU B 25 -5.76 13.99 -21.98
C GLU B 25 -6.94 13.14 -21.53
N LEU B 26 -7.52 13.39 -20.37
CA LEU B 26 -8.74 12.72 -19.97
C LEU B 26 -9.93 13.20 -20.78
N VAL B 27 -10.07 14.53 -20.92
CA VAL B 27 -11.16 15.08 -21.71
C VAL B 27 -11.02 14.68 -23.17
N SER B 28 -9.82 14.85 -23.73
CA SER B 28 -9.58 14.50 -25.12
C SER B 28 -9.56 12.99 -25.34
N GLY B 29 -9.25 12.21 -24.31
CA GLY B 29 -9.31 10.78 -24.44
C GLY B 29 -10.74 10.24 -24.44
N TYR B 30 -11.64 10.93 -23.76
CA TYR B 30 -13.05 10.55 -23.76
C TYR B 30 -13.83 11.25 -24.87
N LEU B 31 -13.47 12.49 -25.20
CA LEU B 31 -14.10 13.19 -26.31
C LEU B 31 -13.59 12.70 -27.66
N GLY B 32 -12.34 12.25 -27.71
CA GLY B 32 -11.73 11.74 -28.93
C GLY B 32 -11.80 10.24 -29.12
N ASN B 33 -12.32 9.50 -28.13
CA ASN B 33 -12.53 8.06 -28.23
C ASN B 33 -11.22 7.31 -28.49
N SER B 34 -10.31 7.39 -27.53
CA SER B 34 -9.03 6.69 -27.59
C SER B 34 -8.69 6.10 -26.24
N ILE B 35 -8.40 4.80 -26.21
CA ILE B 35 -7.95 4.19 -24.96
C ILE B 35 -6.48 4.54 -24.69
N ALA B 36 -5.70 4.76 -25.74
CA ALA B 36 -4.30 5.13 -25.56
C ALA B 36 -4.18 6.49 -24.88
N LEU B 37 -5.08 7.41 -25.21
CA LEU B 37 -5.10 8.71 -24.52
C LEU B 37 -5.50 8.55 -23.07
N LEU B 38 -6.52 7.73 -22.78
CA LEU B 38 -6.87 7.44 -21.40
C LEU B 38 -5.74 6.69 -20.69
N SER B 39 -5.14 5.77 -21.36
CA SER B 39 -4.01 5.07 -20.79
C SER B 39 -2.92 6.08 -20.41
N ASP B 40 -2.53 6.99 -21.29
CA ASP B 40 -1.48 7.95 -20.97
C ASP B 40 -1.91 8.91 -19.87
N SER B 41 -3.18 9.33 -19.89
CA SER B 41 -3.66 10.22 -18.84
C SER B 41 -3.68 9.52 -17.49
N PHE B 42 -3.98 8.21 -17.47
CA PHE B 42 -3.86 7.44 -16.25
C PHE B 42 -2.41 7.23 -15.85
N ASN B 43 -1.47 7.39 -16.79
CA ASN B 43 -0.05 7.32 -16.50
C ASN B 43 0.50 8.65 -16.00
N MET B 44 -0.04 9.75 -16.50
CA MET B 44 0.28 11.11 -16.04
C MET B 44 -0.36 11.39 -14.69
N LEU B 45 -1.46 10.75 -14.36
CA LEU B 45 -2.04 10.84 -13.02
C LEU B 45 -1.16 10.13 -12.00
N SER B 46 -0.64 8.96 -12.34
CA SER B 46 0.35 8.31 -11.50
C SER B 46 1.64 9.13 -11.43
N ASP B 47 2.00 9.80 -12.52
CA ASP B 47 3.16 10.69 -12.54
C ASP B 47 2.97 11.89 -11.62
N LEU B 48 1.76 12.45 -11.55
CA LEU B 48 1.55 13.57 -10.65
C LEU B 48 1.44 13.10 -9.21
N ILE B 49 0.90 11.90 -8.97
CA ILE B 49 0.90 11.33 -7.63
C ILE B 49 2.32 11.10 -7.15
N SER B 50 3.19 10.61 -8.03
CA SER B 50 4.58 10.40 -7.68
C SER B 50 5.27 11.73 -7.40
N LEU B 51 4.95 12.77 -8.16
CA LEU B 51 5.52 14.09 -7.92
C LEU B 51 5.09 14.62 -6.55
N CYS B 52 3.81 14.45 -6.21
CA CYS B 52 3.33 14.88 -4.90
C CYS B 52 4.01 14.09 -3.79
N VAL B 53 4.19 12.79 -3.99
CA VAL B 53 4.86 11.96 -2.98
C VAL B 53 6.30 12.40 -2.82
N GLY B 54 7.01 12.64 -3.93
CA GLY B 54 8.38 13.08 -3.86
C GLY B 54 8.54 14.44 -3.22
N LEU B 55 7.57 15.33 -3.42
CA LEU B 55 7.60 16.64 -2.77
C LEU B 55 7.29 16.51 -1.28
N SER B 56 6.35 15.63 -0.92
CA SER B 56 6.08 15.38 0.48
C SER B 56 7.30 14.77 1.18
N ALA B 57 7.96 13.83 0.52
CA ALA B 57 9.19 13.25 1.04
C ALA B 57 10.33 14.26 1.09
N GLY B 58 10.20 15.40 0.40
CA GLY B 58 11.18 16.45 0.49
C GLY B 58 10.94 17.38 1.65
N TYR B 59 9.68 17.44 2.11
CA TYR B 59 9.35 18.24 3.28
C TYR B 59 9.39 17.44 4.57
N ILE B 60 9.21 16.12 4.50
CA ILE B 60 9.49 15.28 5.66
C ILE B 60 10.98 15.32 5.99
N ALA B 61 11.82 15.16 4.97
CA ALA B 61 13.24 15.41 5.14
C ALA B 61 13.50 16.90 5.23
N ARG B 62 14.69 17.25 5.73
CA ARG B 62 15.11 18.62 5.99
C ARG B 62 14.26 19.29 7.05
N ARG B 63 13.31 18.57 7.65
CA ARG B 63 12.45 19.06 8.73
C ARG B 63 11.87 17.87 9.48
N PRO B 64 12.69 17.14 10.24
CA PRO B 64 12.17 15.97 10.96
C PRO B 64 11.17 16.37 12.03
N THR B 65 10.26 15.45 12.34
CA THR B 65 9.23 15.69 13.33
C THR B 65 9.46 14.91 14.61
N ARG B 66 9.54 13.57 14.53
CA ARG B 66 9.75 12.72 15.70
C ARG B 66 8.78 13.08 16.82
N GLY B 67 7.48 12.90 16.53
CA GLY B 67 6.43 13.28 17.43
C GLY B 67 6.09 12.21 18.44
N PHE B 68 4.97 12.42 19.13
CA PHE B 68 4.46 11.46 20.10
C PHE B 68 3.58 10.38 19.48
N SER B 69 3.26 10.51 18.19
CA SER B 69 2.48 9.50 17.48
C SER B 69 3.26 8.82 16.36
N ALA B 70 4.40 9.37 15.95
CA ALA B 70 5.25 8.78 14.92
C ALA B 70 6.67 8.84 15.45
N THR B 71 7.08 7.78 16.16
CA THR B 71 8.38 7.76 16.81
C THR B 71 9.53 7.67 15.82
N TYR B 72 9.30 7.09 14.64
CA TYR B 72 10.29 7.04 13.58
C TYR B 72 10.18 8.21 12.62
N GLY B 73 9.24 9.12 12.84
CA GLY B 73 8.97 10.16 11.89
C GLY B 73 8.07 9.67 10.76
N TYR B 74 7.85 10.56 9.80
CA TYR B 74 7.06 10.24 8.62
C TYR B 74 7.92 9.95 7.40
N ALA B 75 9.14 9.43 7.62
CA ALA B 75 10.05 9.13 6.52
C ALA B 75 9.59 7.93 5.70
N ARG B 76 8.70 7.10 6.22
CA ARG B 76 8.20 5.94 5.51
C ARG B 76 7.12 6.30 4.50
N ALA B 77 6.81 7.60 4.33
CA ALA B 77 5.78 8.02 3.39
C ALA B 77 6.22 7.87 1.93
N GLU B 78 7.52 7.77 1.68
CA GLU B 78 8.02 7.55 0.32
C GLU B 78 7.96 6.09 -0.08
N VAL B 79 7.77 5.18 0.86
CA VAL B 79 7.54 3.77 0.57
C VAL B 79 6.06 3.44 0.55
N VAL B 80 5.30 4.00 1.49
CA VAL B 80 3.85 3.83 1.47
C VAL B 80 3.24 4.57 0.29
N GLY B 81 3.73 5.76 -0.01
CA GLY B 81 3.27 6.52 -1.15
C GLY B 81 3.72 5.99 -2.49
N ALA B 82 4.73 5.11 -2.51
CA ALA B 82 5.16 4.48 -3.74
C ALA B 82 4.47 3.13 -3.97
N LEU B 83 4.09 2.44 -2.89
CA LEU B 83 3.26 1.25 -3.04
C LEU B 83 1.81 1.62 -3.33
N SER B 84 1.32 2.71 -2.74
CA SER B 84 -0.02 3.18 -3.02
C SER B 84 -0.16 3.80 -4.40
N ASN B 85 0.95 4.22 -5.01
CA ASN B 85 0.92 4.73 -6.37
C ASN B 85 1.05 3.63 -7.40
N ALA B 86 1.78 2.56 -7.09
CA ALA B 86 1.89 1.44 -8.02
C ALA B 86 0.62 0.61 -8.04
N VAL B 87 -0.03 0.44 -6.89
CA VAL B 87 -1.30 -0.26 -6.85
C VAL B 87 -2.39 0.57 -7.53
N PHE B 88 -2.36 1.89 -7.33
CA PHE B 88 -3.28 2.78 -8.04
C PHE B 88 -3.09 2.66 -9.54
N LEU B 89 -1.84 2.64 -10.00
CA LEU B 89 -1.56 2.53 -11.42
C LEU B 89 -1.96 1.15 -11.94
N THR B 90 -1.74 0.10 -11.16
CA THR B 90 -2.14 -1.24 -11.57
C THR B 90 -3.65 -1.34 -11.73
N ALA B 91 -4.40 -0.75 -10.80
CA ALA B 91 -5.84 -0.78 -10.90
C ALA B 91 -6.34 0.03 -12.10
N LEU B 92 -5.69 1.16 -12.37
CA LEU B 92 -6.02 1.94 -13.55
C LEU B 92 -5.73 1.15 -14.83
N CYS B 93 -4.60 0.44 -14.86
CA CYS B 93 -4.27 -0.38 -16.02
C CYS B 93 -5.22 -1.55 -16.18
N PHE B 94 -5.80 -2.04 -15.08
CA PHE B 94 -6.80 -3.09 -15.17
C PHE B 94 -8.02 -2.63 -15.96
N THR B 95 -8.54 -1.45 -15.61
CA THR B 95 -9.69 -0.90 -16.34
C THR B 95 -9.31 -0.56 -17.78
N ILE B 96 -8.08 -0.09 -18.00
CA ILE B 96 -7.63 0.19 -19.35
C ILE B 96 -7.57 -1.08 -20.17
N PHE B 97 -7.04 -2.15 -19.58
CA PHE B 97 -6.98 -3.44 -20.28
C PHE B 97 -8.36 -4.00 -20.56
N VAL B 98 -9.28 -3.88 -19.60
CA VAL B 98 -10.63 -4.38 -19.80
C VAL B 98 -11.34 -3.63 -20.93
N GLU B 99 -11.21 -2.30 -20.94
CA GLU B 99 -11.76 -1.53 -22.05
C GLU B 99 -10.97 -1.71 -23.34
N ALA B 100 -9.79 -2.30 -23.29
CA ALA B 100 -9.05 -2.58 -24.52
C ALA B 100 -9.37 -3.93 -25.12
N VAL B 101 -9.82 -4.91 -24.32
CA VAL B 101 -10.21 -6.20 -24.86
C VAL B 101 -11.62 -6.13 -25.43
N LEU B 102 -12.50 -5.32 -24.85
CA LEU B 102 -13.85 -5.18 -25.36
C LEU B 102 -13.91 -4.36 -26.63
N ARG B 103 -12.91 -3.52 -26.88
CA ARG B 103 -12.81 -2.81 -28.16
C ARG B 103 -12.08 -3.62 -29.21
N LEU B 104 -11.38 -4.68 -28.82
CA LEU B 104 -10.86 -5.65 -29.78
C LEU B 104 -11.97 -6.58 -30.28
N ALA B 105 -13.00 -6.79 -29.46
CA ALA B 105 -14.14 -7.58 -29.88
C ALA B 105 -15.12 -6.73 -30.68
N ARG B 106 -15.55 -5.61 -30.12
CA ARG B 106 -16.38 -4.65 -30.84
C ARG B 106 -15.55 -3.42 -31.16
N PRO B 107 -15.10 -3.25 -32.40
CA PRO B 107 -14.18 -2.15 -32.71
C PRO B 107 -14.89 -0.82 -32.85
N GLU B 108 -14.25 0.22 -32.34
CA GLU B 108 -14.70 1.60 -32.48
C GLU B 108 -13.58 2.41 -33.10
N ARG B 109 -13.89 3.64 -33.51
CA ARG B 109 -12.94 4.46 -34.24
C ARG B 109 -12.59 5.71 -33.42
N ILE B 110 -11.88 6.64 -34.06
CA ILE B 110 -11.49 7.90 -33.45
C ILE B 110 -12.27 9.01 -34.11
N ASP B 111 -13.01 9.78 -33.31
CA ASP B 111 -13.85 10.84 -33.87
C ASP B 111 -13.02 12.03 -34.33
N ASP B 112 -12.02 12.42 -33.54
CA ASP B 112 -11.21 13.60 -33.83
C ASP B 112 -9.74 13.23 -33.78
N PRO B 113 -9.18 12.73 -34.87
CA PRO B 113 -7.73 12.45 -34.89
C PRO B 113 -6.89 13.68 -34.62
N GLU B 114 -7.32 14.85 -35.09
CA GLU B 114 -6.57 16.07 -34.83
C GLU B 114 -6.56 16.40 -33.35
N LEU B 115 -7.70 16.29 -32.68
CA LEU B 115 -7.74 16.52 -31.24
C LEU B 115 -6.92 15.47 -30.50
N VAL B 116 -6.85 14.24 -31.04
CA VAL B 116 -5.99 13.22 -30.47
C VAL B 116 -4.52 13.49 -30.78
N LEU B 117 -4.23 13.93 -32.00
CA LEU B 117 -2.84 14.20 -32.37
C LEU B 117 -2.28 15.41 -31.61
N ILE B 118 -3.06 16.49 -31.54
CA ILE B 118 -2.59 17.72 -30.88
C ILE B 118 -2.25 17.43 -29.43
N VAL B 119 -3.24 16.92 -28.67
CA VAL B 119 -2.99 16.58 -27.28
C VAL B 119 -2.07 15.37 -27.15
N GLY B 120 -1.96 14.55 -28.19
CA GLY B 120 -0.98 13.47 -28.17
C GLY B 120 0.44 13.99 -28.16
N VAL B 121 0.76 14.94 -29.05
CA VAL B 121 2.07 15.57 -29.03
C VAL B 121 2.20 16.47 -27.81
N LEU B 122 1.17 17.27 -27.54
CA LEU B 122 1.15 18.14 -26.36
C LEU B 122 0.89 17.26 -25.14
N GLY B 123 1.97 16.67 -24.65
CA GLY B 123 1.90 15.63 -23.64
C GLY B 123 2.98 14.62 -23.90
N LEU B 124 3.44 14.57 -25.16
CA LEU B 124 4.73 13.97 -25.48
C LEU B 124 5.85 14.99 -25.38
N LEU B 125 5.55 16.26 -25.70
CA LEU B 125 6.47 17.36 -25.46
C LEU B 125 6.62 17.68 -23.98
N VAL B 126 5.77 17.13 -23.13
CA VAL B 126 5.89 17.34 -21.68
C VAL B 126 6.85 16.33 -21.06
N ASN B 127 6.85 15.09 -21.54
CA ASN B 127 7.83 14.11 -21.11
C ASN B 127 9.18 14.29 -21.79
N VAL B 128 9.32 15.37 -22.57
CA VAL B 128 10.62 15.81 -23.05
C VAL B 128 11.11 17.05 -22.29
N VAL B 129 10.21 17.80 -21.67
CA VAL B 129 10.58 18.82 -20.70
C VAL B 129 10.62 18.25 -19.28
N GLY B 130 10.71 16.93 -19.16
CA GLY B 130 10.89 16.24 -17.90
C GLY B 130 12.31 15.83 -17.63
N LEU B 131 12.63 14.57 -17.96
CA LEU B 131 13.97 14.02 -17.69
C LEU B 131 15.08 14.87 -18.30
N LEU B 132 14.81 15.54 -19.41
CA LEU B 132 15.86 16.27 -20.12
C LEU B 132 16.45 17.39 -19.27
N ILE B 133 15.59 18.19 -18.64
CA ILE B 133 16.07 19.33 -17.87
C ILE B 133 16.00 19.07 -16.38
N LEU B 243 12.06 4.39 -14.44
CA LEU B 243 11.67 3.70 -15.66
C LEU B 243 10.28 4.15 -16.09
N HIS B 244 9.48 4.59 -15.10
CA HIS B 244 8.14 5.06 -15.40
C HIS B 244 8.20 6.33 -16.23
N VAL B 245 9.08 7.27 -15.86
CA VAL B 245 9.27 8.47 -16.66
C VAL B 245 9.79 8.11 -18.05
N MET B 246 10.74 7.18 -18.12
CA MET B 246 11.19 6.68 -19.41
C MET B 246 10.07 5.95 -20.15
N GLY B 247 9.24 5.19 -19.42
CA GLY B 247 8.12 4.49 -20.00
C GLY B 247 6.84 5.28 -20.19
N ASP B 248 6.80 6.54 -19.75
CA ASP B 248 5.64 7.38 -20.03
C ASP B 248 5.69 7.98 -21.43
N ALA B 249 6.89 8.17 -21.97
CA ALA B 249 7.04 8.76 -23.29
C ALA B 249 6.65 7.79 -24.40
N LEU B 250 6.82 6.49 -24.19
CA LEU B 250 6.38 5.52 -25.19
C LEU B 250 4.86 5.48 -25.30
N GLY B 251 4.16 5.66 -24.18
CA GLY B 251 2.71 5.70 -24.22
C GLY B 251 2.17 6.90 -24.97
N SER B 252 2.95 7.99 -25.01
CA SER B 252 2.56 9.16 -25.79
C SER B 252 2.96 9.04 -27.25
N VAL B 253 3.73 8.02 -27.62
CA VAL B 253 4.01 7.75 -29.03
C VAL B 253 2.90 6.93 -29.65
N VAL B 254 2.27 6.05 -28.87
CA VAL B 254 1.16 5.26 -29.37
C VAL B 254 -0.02 6.15 -29.76
N VAL B 255 -0.26 7.21 -28.97
CA VAL B 255 -1.35 8.12 -29.26
C VAL B 255 -1.11 8.85 -30.57
N VAL B 256 0.12 9.31 -30.81
CA VAL B 256 0.44 10.01 -32.05
C VAL B 256 0.52 9.05 -33.22
N ILE B 257 0.89 7.79 -32.99
CA ILE B 257 0.89 6.80 -34.05
C ILE B 257 -0.54 6.47 -34.47
N THR B 258 -1.44 6.26 -33.52
CA THR B 258 -2.82 5.93 -33.85
C THR B 258 -3.50 7.07 -34.59
N ALA B 259 -3.26 8.31 -34.16
CA ALA B 259 -3.87 9.46 -34.82
C ALA B 259 -3.38 9.60 -36.25
N ILE B 260 -2.09 9.36 -36.48
CA ILE B 260 -1.53 9.46 -37.82
C ILE B 260 -2.18 8.43 -38.75
N ILE B 261 -2.34 7.19 -38.28
CA ILE B 261 -2.96 6.16 -39.09
C ILE B 261 -4.41 6.51 -39.46
N PHE B 262 -5.09 7.28 -38.63
CA PHE B 262 -6.47 7.69 -38.88
C PHE B 262 -6.57 8.98 -39.69
N TYR B 263 -5.45 9.58 -40.06
CA TYR B 263 -5.41 10.88 -40.74
C TYR B 263 -4.67 10.83 -42.06
N VAL B 264 -3.62 10.00 -42.17
CA VAL B 264 -2.96 9.75 -43.45
C VAL B 264 -3.70 8.63 -44.16
N LEU B 265 -4.79 8.17 -43.57
CA LEU B 265 -5.63 7.11 -44.12
C LEU B 265 -7.03 7.22 -43.52
N PRO B 266 -7.81 8.22 -43.91
CA PRO B 266 -9.07 8.51 -43.21
C PRO B 266 -10.10 7.42 -43.40
N LEU B 267 -11.10 7.43 -42.51
CA LEU B 267 -12.19 6.47 -42.49
C LEU B 267 -13.50 7.24 -42.38
N LYS B 268 -14.23 7.36 -43.48
CA LYS B 268 -15.48 8.09 -43.48
C LYS B 268 -16.48 7.45 -42.52
N SER B 269 -17.35 8.28 -41.94
CA SER B 269 -18.30 7.79 -40.96
C SER B 269 -19.20 6.69 -41.53
N GLU B 270 -19.40 6.69 -42.85
CA GLU B 270 -20.34 5.78 -43.48
C GLU B 270 -19.78 4.36 -43.64
N ASP B 271 -18.48 4.19 -43.53
CA ASP B 271 -17.84 2.89 -43.74
C ASP B 271 -17.77 2.10 -42.45
N PRO B 272 -17.62 0.78 -42.53
CA PRO B 272 -17.40 -0.02 -41.32
C PRO B 272 -15.96 0.07 -40.84
N CYS B 273 -15.77 -0.36 -39.59
CA CYS B 273 -14.41 -0.41 -39.06
C CYS B 273 -13.53 -1.33 -39.88
N ASN B 274 -12.39 -0.83 -40.31
CA ASN B 274 -11.33 -1.54 -40.97
C ASN B 274 -10.33 -2.05 -39.93
N TRP B 275 -9.15 -2.45 -40.39
CA TRP B 275 -8.05 -2.82 -39.49
C TRP B 275 -7.64 -1.66 -38.59
N GLN B 276 -7.87 -0.41 -39.02
CA GLN B 276 -7.41 0.74 -38.23
C GLN B 276 -8.03 0.77 -36.84
N CYS B 277 -9.29 0.32 -36.70
CA CYS B 277 -9.96 0.33 -35.41
C CYS B 277 -9.31 -0.61 -34.40
N TYR B 278 -8.41 -1.48 -34.85
CA TYR B 278 -7.74 -2.43 -33.97
C TYR B 278 -6.37 -1.96 -33.49
N ILE B 279 -5.75 -1.01 -34.18
CA ILE B 279 -4.41 -0.58 -33.79
C ILE B 279 -4.43 0.05 -32.41
N ASP B 280 -5.43 0.89 -32.14
CA ASP B 280 -5.49 1.58 -30.85
C ASP B 280 -5.65 0.62 -29.69
N PRO B 281 -6.58 -0.36 -29.70
CA PRO B 281 -6.63 -1.29 -28.56
C PRO B 281 -5.45 -2.24 -28.50
N SER B 282 -4.90 -2.64 -29.65
CA SER B 282 -3.78 -3.59 -29.64
C SER B 282 -2.54 -2.98 -28.99
N LEU B 283 -2.22 -1.73 -29.37
CA LEU B 283 -1.05 -1.07 -28.81
C LEU B 283 -1.28 -0.59 -27.39
N THR B 284 -2.52 -0.42 -26.97
CA THR B 284 -2.83 -0.09 -25.58
C THR B 284 -2.68 -1.30 -24.67
N VAL B 285 -2.99 -2.50 -25.18
CA VAL B 285 -2.69 -3.71 -24.44
C VAL B 285 -1.19 -3.87 -24.23
N LEU B 286 -0.41 -3.60 -25.28
CA LEU B 286 1.04 -3.65 -25.17
C LEU B 286 1.57 -2.60 -24.19
N MET B 287 0.91 -1.45 -24.13
CA MET B 287 1.36 -0.40 -23.20
C MET B 287 1.00 -0.73 -21.75
N VAL B 288 -0.08 -1.47 -21.53
CA VAL B 288 -0.40 -1.93 -20.19
C VAL B 288 0.63 -2.95 -19.72
N ILE B 289 1.08 -3.81 -20.63
CA ILE B 289 2.11 -4.79 -20.29
C ILE B 289 3.43 -4.09 -19.99
N ILE B 290 3.75 -3.03 -20.73
CA ILE B 290 4.97 -2.27 -20.47
C ILE B 290 4.85 -1.45 -19.18
N ILE B 291 3.68 -0.87 -18.91
CA ILE B 291 3.49 -0.10 -17.69
C ILE B 291 3.53 -1.01 -16.47
N LEU B 292 2.88 -2.18 -16.55
CA LEU B 292 2.87 -3.12 -15.45
C LEU B 292 4.13 -3.96 -15.36
N SER B 293 5.04 -3.84 -16.33
CA SER B 293 6.35 -4.47 -16.23
C SER B 293 7.34 -3.65 -15.43
N SER B 294 7.01 -2.39 -15.12
CA SER B 294 7.78 -1.58 -14.19
C SER B 294 7.07 -1.36 -12.86
N ALA B 295 5.74 -1.40 -12.85
CA ALA B 295 5.01 -1.31 -11.59
C ALA B 295 5.14 -2.60 -10.78
N PHE B 296 5.13 -3.76 -11.46
CA PHE B 296 5.26 -5.02 -10.75
C PHE B 296 6.57 -5.12 -9.96
N PRO B 297 7.73 -4.79 -10.52
CA PRO B 297 8.95 -4.76 -9.67
C PRO B 297 8.90 -3.74 -8.56
N LEU B 298 8.01 -2.75 -8.64
CA LEU B 298 7.90 -1.73 -7.60
C LEU B 298 6.98 -2.15 -6.46
N ILE B 299 5.92 -2.90 -6.76
CA ILE B 299 5.06 -3.40 -5.69
C ILE B 299 5.80 -4.44 -4.85
N LYS B 300 6.62 -5.27 -5.48
CA LYS B 300 7.36 -6.29 -4.75
C LYS B 300 8.52 -5.71 -3.95
N GLU B 301 9.18 -4.67 -4.48
CA GLU B 301 10.31 -4.08 -3.78
C GLU B 301 9.87 -3.20 -2.62
N THR B 302 8.72 -2.55 -2.72
CA THR B 302 8.24 -1.68 -1.66
C THR B 302 7.44 -2.41 -0.60
N ALA B 303 6.72 -3.48 -0.97
CA ALA B 303 5.97 -4.24 0.02
C ALA B 303 6.91 -4.99 0.95
N ALA B 304 8.06 -5.45 0.44
CA ALA B 304 9.03 -6.11 1.31
C ALA B 304 9.50 -5.19 2.42
N ILE B 305 9.57 -3.88 2.13
CA ILE B 305 9.95 -2.91 3.15
C ILE B 305 8.84 -2.78 4.18
N LEU B 306 7.59 -2.69 3.72
CA LEU B 306 6.44 -2.52 4.61
C LEU B 306 5.99 -3.83 5.24
N LEU B 307 6.56 -4.96 4.84
CA LEU B 307 6.29 -6.24 5.46
C LEU B 307 7.29 -6.58 6.56
N GLN B 308 8.16 -5.64 6.89
CA GLN B 308 9.21 -5.84 7.91
C GLN B 308 10.13 -7.00 7.52
N MET B 309 10.44 -7.10 6.24
CA MET B 309 11.36 -8.12 5.74
C MET B 309 12.79 -7.59 5.77
N VAL B 310 13.73 -8.53 5.80
CA VAL B 310 15.15 -8.13 5.86
C VAL B 310 15.52 -7.42 4.57
N PRO B 311 16.26 -6.31 4.63
CA PRO B 311 16.64 -5.61 3.40
C PRO B 311 17.47 -6.49 2.48
N LYS B 312 17.30 -6.27 1.17
CA LYS B 312 17.94 -7.12 0.18
C LYS B 312 19.46 -7.04 0.25
N GLY B 313 20.00 -5.86 0.52
CA GLY B 313 21.44 -5.70 0.57
C GLY B 313 22.09 -6.47 1.72
N VAL B 314 21.39 -6.61 2.83
CA VAL B 314 21.95 -7.29 4.00
C VAL B 314 22.05 -8.78 3.73
N ASN B 315 23.23 -9.35 4.00
CA ASN B 315 23.46 -10.78 3.85
C ASN B 315 23.23 -11.42 5.21
N MET B 316 22.00 -11.87 5.46
CA MET B 316 21.63 -12.39 6.77
C MET B 316 22.32 -13.71 7.11
N GLU B 317 22.94 -14.37 6.13
CA GLU B 317 23.66 -15.61 6.42
C GLU B 317 25.04 -15.31 7.00
N GLU B 318 25.84 -14.51 6.30
CA GLU B 318 27.15 -14.14 6.81
C GLU B 318 27.04 -13.32 8.08
N LEU B 319 26.05 -12.42 8.15
CA LEU B 319 25.87 -11.59 9.33
C LEU B 319 25.59 -12.45 10.55
N MET B 320 24.65 -13.40 10.44
CA MET B 320 24.34 -14.27 11.56
C MET B 320 25.43 -15.29 11.84
N SER B 321 26.27 -15.59 10.86
CA SER B 321 27.41 -16.47 11.12
C SER B 321 28.50 -15.74 11.89
N LYS B 322 28.72 -14.46 11.58
CA LYS B 322 29.69 -13.67 12.34
C LYS B 322 29.18 -13.31 13.73
N LEU B 323 27.87 -13.13 13.87
CA LEU B 323 27.30 -12.75 15.16
C LEU B 323 27.55 -13.83 16.21
N SER B 324 27.38 -15.08 15.83
CA SER B 324 27.58 -16.19 16.78
C SER B 324 29.04 -16.46 17.05
N ALA B 325 29.97 -15.88 16.29
CA ALA B 325 31.39 -16.08 16.48
C ALA B 325 32.03 -15.05 17.40
N VAL B 326 31.25 -14.13 17.95
CA VAL B 326 31.80 -13.10 18.83
C VAL B 326 32.27 -13.74 20.14
N PRO B 327 33.51 -13.54 20.55
CA PRO B 327 33.95 -14.10 21.84
C PRO B 327 33.19 -13.48 23.00
N GLY B 328 32.75 -14.34 23.92
CA GLY B 328 32.00 -13.91 25.08
C GLY B 328 30.49 -13.99 24.92
N ILE B 329 29.99 -14.23 23.72
CA ILE B 329 28.57 -14.36 23.47
C ILE B 329 28.19 -15.83 23.59
N SER B 330 27.12 -16.12 24.33
CA SER B 330 26.66 -17.48 24.53
C SER B 330 25.42 -17.85 23.73
N SER B 331 24.55 -16.89 23.44
CA SER B 331 23.35 -17.17 22.67
C SER B 331 22.85 -15.86 22.07
N VAL B 332 22.19 -15.98 20.92
CA VAL B 332 21.66 -14.83 20.20
C VAL B 332 20.24 -15.18 19.75
N HIS B 333 19.26 -14.38 20.20
CA HIS B 333 17.88 -14.60 19.80
C HIS B 333 17.22 -13.27 19.50
N GLU B 334 16.02 -13.34 18.92
CA GLU B 334 15.21 -12.17 18.60
C GLU B 334 15.99 -11.18 17.71
N VAL B 335 16.56 -11.71 16.63
CA VAL B 335 17.38 -10.91 15.72
C VAL B 335 16.44 -10.38 14.65
N HIS B 336 15.90 -9.19 14.89
CA HIS B 336 14.99 -8.54 13.96
C HIS B 336 15.73 -7.45 13.21
N ILE B 337 15.83 -7.61 11.89
CA ILE B 337 16.42 -6.60 11.01
C ILE B 337 15.36 -6.19 10.01
N TRP B 338 15.09 -4.90 9.93
CA TRP B 338 14.13 -4.37 8.97
C TRP B 338 14.62 -3.01 8.48
N GLU B 339 13.99 -2.53 7.43
CA GLU B 339 14.40 -1.31 6.74
C GLU B 339 13.29 -0.28 6.84
N LEU B 340 13.63 0.89 7.39
CA LEU B 340 12.68 2.00 7.42
C LEU B 340 12.64 2.69 6.06
N VAL B 341 13.76 3.26 5.65
CA VAL B 341 13.98 3.79 4.31
C VAL B 341 15.38 3.40 3.88
N SER B 342 15.75 3.79 2.66
CA SER B 342 17.06 3.43 2.12
C SER B 342 18.17 4.01 2.98
N GLY B 343 19.01 3.13 3.52
CA GLY B 343 20.08 3.56 4.39
C GLY B 343 19.77 3.36 5.86
N LYS B 344 18.51 3.59 6.24
CA LYS B 344 18.08 3.44 7.62
C LYS B 344 17.62 2.00 7.83
N ILE B 345 18.46 1.20 8.46
CA ILE B 345 18.15 -0.19 8.77
C ILE B 345 18.19 -0.36 10.28
N ILE B 346 17.10 -0.85 10.86
CA ILE B 346 16.97 -1.02 12.30
C ILE B 346 17.10 -2.51 12.62
N ALA B 347 18.01 -2.84 13.54
CA ALA B 347 18.32 -4.23 13.87
C ALA B 347 18.15 -4.42 15.38
N THR B 348 16.97 -4.88 15.79
CA THR B 348 16.76 -5.30 17.16
C THR B 348 17.39 -6.66 17.39
N LEU B 349 17.84 -6.90 18.62
CA LEU B 349 18.65 -8.08 18.89
C LEU B 349 18.74 -8.33 20.39
N HIS B 350 18.48 -9.56 20.81
CA HIS B 350 18.70 -9.99 22.18
C HIS B 350 19.89 -10.93 22.21
N ILE B 351 20.73 -10.82 23.24
CA ILE B 351 21.98 -11.57 23.31
C ILE B 351 22.24 -11.99 24.75
N LYS B 352 22.42 -13.28 24.96
CA LYS B 352 22.77 -13.80 26.28
C LYS B 352 24.29 -13.80 26.45
N TYR B 353 24.72 -13.73 27.71
CA TYR B 353 26.14 -13.63 28.02
C TYR B 353 26.38 -14.18 29.41
N PRO B 354 27.56 -14.76 29.67
CA PRO B 354 27.87 -15.25 31.02
C PRO B 354 27.92 -14.12 32.04
N LYS B 355 27.43 -14.42 33.25
CA LYS B 355 27.29 -13.38 34.27
C LYS B 355 28.64 -12.89 34.78
N ASP B 356 29.67 -13.74 34.75
CA ASP B 356 30.98 -13.38 35.27
C ASP B 356 31.83 -12.59 34.28
N ARG B 357 31.34 -12.36 33.07
CA ARG B 357 32.08 -11.64 32.05
C ARG B 357 31.28 -10.42 31.59
N GLY B 358 31.96 -9.29 31.45
CA GLY B 358 31.32 -8.11 30.92
C GLY B 358 31.05 -8.23 29.43
N TYR B 359 30.18 -7.34 28.94
CA TYR B 359 29.77 -7.34 27.55
C TYR B 359 30.17 -6.07 26.83
N GLN B 360 31.19 -5.36 27.31
CA GLN B 360 31.62 -4.14 26.65
C GLN B 360 32.36 -4.43 25.35
N ASP B 361 33.38 -5.28 25.41
CA ASP B 361 34.10 -5.65 24.19
C ASP B 361 33.21 -6.43 23.25
N ALA B 362 32.32 -7.27 23.80
CA ALA B 362 31.35 -7.98 22.97
C ALA B 362 30.43 -6.99 22.26
N SER B 363 29.95 -5.99 22.99
CA SER B 363 29.08 -4.98 22.38
C SER B 363 29.80 -4.26 21.25
N THR B 364 31.06 -3.87 21.48
CA THR B 364 31.83 -3.17 20.45
C THR B 364 31.97 -4.04 19.20
N LYS B 365 32.24 -5.34 19.39
CA LYS B 365 32.35 -6.23 18.25
C LYS B 365 31.03 -6.36 17.50
N ILE B 366 29.92 -6.48 18.24
CA ILE B 366 28.62 -6.68 17.60
C ILE B 366 28.22 -5.46 16.79
N ARG B 367 28.39 -4.26 17.34
CA ARG B 367 28.04 -3.05 16.59
C ARG B 367 29.04 -2.71 15.50
N GLU B 368 30.25 -3.27 15.53
CA GLU B 368 31.18 -3.12 14.42
C GLU B 368 30.93 -4.15 13.34
N ILE B 369 30.40 -5.32 13.69
CA ILE B 369 29.97 -6.29 12.70
C ILE B 369 28.77 -5.76 11.93
N PHE B 370 27.80 -5.16 12.63
CA PHE B 370 26.64 -4.59 11.98
C PHE B 370 27.01 -3.36 11.15
N HIS B 371 28.03 -2.61 11.58
CA HIS B 371 28.45 -1.44 10.82
C HIS B 371 28.99 -1.83 9.45
N HIS B 372 29.76 -2.90 9.39
CA HIS B 372 30.31 -3.35 8.11
C HIS B 372 29.23 -3.89 7.19
N ALA B 373 28.05 -4.19 7.71
CA ALA B 373 26.93 -4.69 6.92
C ALA B 373 25.97 -3.57 6.50
N GLY B 374 26.30 -2.32 6.80
CA GLY B 374 25.43 -1.21 6.45
C GLY B 374 24.30 -0.95 7.42
N ILE B 375 24.34 -1.54 8.62
CA ILE B 375 23.31 -1.35 9.63
C ILE B 375 23.92 -0.55 10.77
N HIS B 376 23.36 0.63 11.03
CA HIS B 376 23.85 1.51 12.07
C HIS B 376 22.85 1.75 13.19
N ASN B 377 21.60 1.31 13.05
CA ASN B 377 20.58 1.42 14.09
C ASN B 377 20.47 0.07 14.77
N VAL B 378 21.35 -0.18 15.74
CA VAL B 378 21.44 -1.46 16.42
C VAL B 378 21.05 -1.27 17.87
N THR B 379 20.04 -2.03 18.32
CA THR B 379 19.63 -2.09 19.71
C THR B 379 19.86 -3.51 20.21
N ILE B 380 20.69 -3.65 21.24
CA ILE B 380 21.05 -4.95 21.78
C ILE B 380 20.56 -5.03 23.22
N GLN B 381 19.76 -6.04 23.52
CA GLN B 381 19.34 -6.36 24.88
C GLN B 381 20.18 -7.52 25.38
N PHE B 382 21.03 -7.26 26.36
CA PHE B 382 21.92 -8.28 26.91
C PHE B 382 21.23 -8.95 28.09
N GLU B 383 20.92 -10.24 27.93
CA GLU B 383 20.26 -11.02 28.95
C GLU B 383 21.27 -11.94 29.62
N ASN B 384 21.21 -12.01 30.95
CA ASN B 384 22.24 -12.72 31.69
C ASN B 384 22.11 -14.24 31.49
N VAL B 385 23.18 -14.94 31.83
CA VAL B 385 23.19 -16.39 31.88
C VAL B 385 24.10 -16.86 33.02
N ASP B 395 18.93 -26.52 27.75
CA ASP B 395 18.29 -25.80 26.66
C ASP B 395 17.25 -24.81 27.17
N LEU B 396 17.12 -24.75 28.50
CA LEU B 396 16.39 -23.68 29.14
C LEU B 396 17.24 -22.44 29.33
N LEU B 397 18.50 -22.51 28.90
CA LEU B 397 19.44 -21.39 28.92
C LEU B 397 19.51 -20.69 27.56
N LEU B 398 18.60 -21.02 26.65
CA LEU B 398 18.61 -20.46 25.30
C LEU B 398 17.32 -19.73 24.95
N LEU B 399 16.38 -19.64 25.87
CA LEU B 399 15.17 -18.85 25.67
C LEU B 399 15.38 -17.43 26.18
N CYS B 400 14.44 -16.56 25.84
CA CYS B 400 14.48 -15.21 26.37
C CYS B 400 14.33 -15.24 27.89
N ASN B 401 15.20 -14.52 28.58
CA ASN B 401 15.05 -14.31 30.01
C ASN B 401 14.02 -13.24 30.33
N SER B 402 13.63 -12.42 29.36
CA SER B 402 12.76 -11.26 29.61
C SER B 402 11.62 -11.21 28.60
N PRO B 403 10.68 -12.18 28.66
CA PRO B 403 9.42 -12.00 27.93
C PRO B 403 8.50 -11.05 28.67
N CYS B 404 7.26 -10.93 28.25
CA CYS B 404 6.29 -10.12 28.99
C CYS B 404 6.20 -10.62 30.44
N ILE B 405 5.65 -9.76 31.30
CA ILE B 405 5.64 -10.02 32.73
C ILE B 405 4.82 -11.24 33.12
N SER B 406 4.00 -11.77 32.21
CA SER B 406 3.16 -12.93 32.50
C SER B 406 3.32 -13.95 31.38
N LYS B 407 3.08 -15.23 31.73
CA LYS B 407 3.16 -16.29 30.73
C LYS B 407 2.03 -16.20 29.71
N GLY B 408 0.90 -15.60 30.08
CA GLY B 408 -0.20 -15.43 29.15
C GLY B 408 0.09 -14.48 28.01
N CYS B 409 1.17 -13.71 28.08
CA CYS B 409 1.58 -12.83 27.00
C CYS B 409 2.19 -13.57 25.82
N ALA B 410 2.46 -14.87 25.97
CA ALA B 410 3.11 -15.63 24.91
C ALA B 410 2.30 -15.62 23.62
N LYS B 411 0.97 -15.54 23.73
CA LYS B 411 0.14 -15.43 22.53
C LYS B 411 0.41 -14.12 21.80
N GLN B 412 0.59 -13.03 22.54
CA GLN B 412 0.80 -11.71 21.95
C GLN B 412 2.27 -11.40 21.68
N LEU B 413 3.19 -12.30 22.04
CA LEU B 413 4.59 -12.09 21.71
C LEU B 413 4.84 -12.38 20.23
N CYS B 414 5.65 -11.54 19.60
CA CYS B 414 6.23 -11.89 18.32
C CYS B 414 7.35 -12.90 18.55
N CYS B 415 7.76 -13.59 17.48
CA CYS B 415 8.67 -14.74 17.56
C CYS B 415 8.31 -15.54 18.79
N PRO B 416 7.10 -16.11 18.83
CA PRO B 416 6.53 -16.55 20.10
C PRO B 416 7.28 -17.75 20.66
N PRO B 417 7.31 -17.90 21.99
CA PRO B 417 7.95 -19.03 22.68
C PRO B 417 7.04 -20.26 22.78
MN MN C . -22.82 -6.47 -4.78
MN MN D . 2.76 10.41 -21.67
#